data_3JXC
#
_entry.id   3JXC
#
_cell.length_a   64.249
_cell.length_b   64.249
_cell.length_c   100.820
_cell.angle_alpha   90.000
_cell.angle_beta   90.000
_cell.angle_gamma   90.000
#
_symmetry.space_group_name_H-M   'P 43'
#
loop_
_entity.id
_entity.type
_entity.pdbx_description
1 polymer "5'-D(*CP*AP*TP*TP*TP*AP*AP*GP*AP*TP*AP*TP*CP*TP*TP*AP*AP*AP*TP*G)-3'"
2 polymer 'Repressor protein C2'
3 non-polymer 'THALLIUM (I) ION'
4 water water
#
loop_
_entity_poly.entity_id
_entity_poly.type
_entity_poly.pdbx_seq_one_letter_code
_entity_poly.pdbx_strand_id
1 'polydeoxyribonucleotide' (DC)(DA)(DT)(DT)(DT)(DA)(DA)(DG)(DA)(DT)(DA)(DT)(DC)(DT)(DT)(DA)(DA)(DA)(DT)(DG) A,B
2 'polypeptide(L)' NTQLMGERIRARRKKLKIRQAALGKMVGVSNVAISQWERSETEPNGENLLALSKALQCSPDYLLKGD L,R
#
# COMPACT_ATOMS: atom_id res chain seq x y z
N THR C 2 -1.53 21.86 2.69
CA THR C 2 -0.70 20.62 2.65
C THR C 2 -0.92 19.84 1.34
N GLN C 3 0.19 19.43 0.74
CA GLN C 3 0.19 18.73 -0.54
C GLN C 3 -0.37 17.30 -0.43
N LEU C 4 -1.31 16.97 -1.32
CA LEU C 4 -1.96 15.66 -1.33
C LEU C 4 -1.13 14.66 -2.11
N MET C 5 -1.32 13.38 -1.77
CA MET C 5 -0.68 12.29 -2.51
C MET C 5 -0.95 12.40 -4.02
N GLY C 6 -2.17 12.77 -4.39
CA GLY C 6 -2.58 12.82 -5.79
C GLY C 6 -1.74 13.82 -6.60
N GLU C 7 -1.46 14.95 -5.98
CA GLU C 7 -0.62 15.99 -6.58
C GLU C 7 0.80 15.48 -6.76
N ARG C 8 1.29 14.68 -5.81
CA ARG C 8 2.63 14.07 -5.97
C ARG C 8 2.69 13.06 -7.11
N ILE C 9 1.62 12.28 -7.25
CA ILE C 9 1.48 11.29 -8.32
C ILE C 9 1.51 12.01 -9.67
N ARG C 10 0.65 13.01 -9.82
CA ARG C 10 0.57 13.75 -11.08
C ARG C 10 1.92 14.41 -11.42
N ALA C 11 2.54 15.06 -10.44
CA ALA C 11 3.82 15.74 -10.70
C ALA C 11 4.90 14.76 -11.21
N ARG C 12 4.95 13.58 -10.59
CA ARG C 12 5.88 12.52 -10.97
C ARG C 12 5.58 11.98 -12.37
N ARG C 13 4.30 11.74 -12.67
CA ARG C 13 3.90 11.28 -13.98
C ARG C 13 4.32 12.27 -15.07
N LYS C 14 4.07 13.56 -14.83
CA LYS C 14 4.42 14.63 -15.77
C LYS C 14 5.95 14.71 -16.02
N LYS C 15 6.73 14.51 -14.98
CA LYS C 15 8.19 14.41 -15.11
C LYS C 15 8.56 13.28 -16.09
N LEU C 16 7.83 12.17 -16.02
CA LEU C 16 8.12 11.00 -16.86
C LEU C 16 7.59 11.14 -18.27
N LYS C 17 6.73 12.14 -18.46
CA LYS C 17 6.14 12.49 -19.76
C LYS C 17 5.31 11.35 -20.35
N ILE C 18 4.53 10.70 -19.48
CA ILE C 18 3.62 9.66 -19.96
C ILE C 18 2.16 10.04 -19.66
N ARG C 19 1.26 9.48 -20.45
CA ARG C 19 -0.17 9.75 -20.30
C ARG C 19 -0.70 8.88 -19.14
N GLN C 20 -1.93 9.14 -18.69
CA GLN C 20 -2.48 8.38 -17.58
C GLN C 20 -2.64 6.91 -17.98
N ALA C 21 -3.11 6.68 -19.21
CA ALA C 21 -3.29 5.32 -19.72
C ALA C 21 -1.96 4.55 -19.73
N ALA C 22 -0.88 5.25 -20.06
CA ALA C 22 0.45 4.62 -20.07
C ALA C 22 0.90 4.25 -18.64
N LEU C 23 0.70 5.15 -17.68
CA LEU C 23 0.98 4.84 -16.28
C LEU C 23 0.10 3.70 -15.76
N GLY C 24 -1.20 3.74 -16.10
CA GLY C 24 -2.12 2.64 -15.76
C GLY C 24 -1.66 1.28 -16.25
N LYS C 25 -1.15 1.23 -17.48
CA LYS C 25 -0.62 -0.01 -18.06
C LYS C 25 0.56 -0.52 -17.22
N MET C 26 1.43 0.39 -16.81
CA MET C 26 2.59 0.03 -15.98
C MET C 26 2.19 -0.51 -14.61
N VAL C 27 1.09 0.01 -14.05
CA VAL C 27 0.64 -0.33 -12.68
C VAL C 27 -0.30 -1.54 -12.65
N GLY C 28 -1.07 -1.72 -13.71
CA GLY C 28 -2.06 -2.78 -13.78
C GLY C 28 -3.47 -2.29 -13.48
N VAL C 29 -3.70 -1.00 -13.72
CA VAL C 29 -5.02 -0.38 -13.51
C VAL C 29 -5.40 0.43 -14.76
N SER C 30 -6.67 0.85 -14.82
CA SER C 30 -7.17 1.71 -15.89
C SER C 30 -6.64 3.13 -15.77
N ASN C 31 -6.69 3.87 -16.88
CA ASN C 31 -6.37 5.27 -16.87
C ASN C 31 -7.30 6.02 -15.92
N VAL C 32 -8.55 5.55 -15.80
CA VAL C 32 -9.50 6.22 -14.90
C VAL C 32 -9.03 6.10 -13.43
N ALA C 33 -8.53 4.92 -13.06
CA ALA C 33 -7.96 4.74 -11.72
C ALA C 33 -6.85 5.77 -11.46
N ILE C 34 -5.97 5.96 -12.44
CA ILE C 34 -4.93 6.99 -12.32
C ILE C 34 -5.53 8.39 -12.11
N SER C 35 -6.50 8.74 -12.94
CA SER C 35 -7.21 10.03 -12.80
C SER C 35 -7.79 10.18 -11.39
N GLN C 36 -8.44 9.13 -10.89
CA GLN C 36 -9.02 9.15 -9.53
C GLN C 36 -7.98 9.38 -8.43
N TRP C 37 -6.83 8.70 -8.53
CA TRP C 37 -5.77 8.93 -7.56
C TRP C 37 -5.21 10.34 -7.65
N GLU C 38 -4.93 10.79 -8.87
CA GLU C 38 -4.34 12.11 -9.05
C GLU C 38 -5.26 13.20 -8.50
N ARG C 39 -6.58 13.02 -8.65
CA ARG C 39 -7.53 14.04 -8.17
C ARG C 39 -7.97 13.81 -6.71
N SER C 40 -7.34 12.83 -6.07
CA SER C 40 -7.65 12.47 -4.67
C SER C 40 -9.11 12.05 -4.45
N GLU C 41 -9.74 11.54 -5.52
CA GLU C 41 -11.07 10.89 -5.45
C GLU C 41 -10.97 9.59 -4.62
N THR C 42 -9.86 8.87 -4.83
CA THR C 42 -9.57 7.65 -4.10
C THR C 42 -8.05 7.59 -3.86
N GLU C 43 -7.62 6.61 -3.07
CA GLU C 43 -6.20 6.29 -2.88
C GLU C 43 -5.93 4.85 -3.35
N PRO C 44 -4.71 4.59 -3.86
CA PRO C 44 -4.41 3.23 -4.29
C PRO C 44 -4.40 2.23 -3.12
N ASN C 45 -4.86 1.01 -3.39
CA ASN C 45 -4.84 -0.07 -2.40
C ASN C 45 -3.38 -0.52 -2.19
N GLY C 46 -3.17 -1.55 -1.38
CA GLY C 46 -1.80 -1.93 -0.98
C GLY C 46 -0.95 -2.35 -2.19
N GLU C 47 -1.48 -3.30 -2.95
CA GLU C 47 -0.82 -3.83 -4.15
C GLU C 47 -0.56 -2.73 -5.18
N ASN C 48 -1.55 -1.86 -5.39
CA ASN C 48 -1.47 -0.82 -6.39
C ASN C 48 -0.51 0.29 -5.99
N LEU C 49 -0.45 0.60 -4.70
CA LEU C 49 0.44 1.67 -4.23
C LEU C 49 1.89 1.26 -4.50
N LEU C 50 2.20 -0.01 -4.21
CA LEU C 50 3.58 -0.52 -4.37
C LEU C 50 3.93 -0.59 -5.85
N ALA C 51 3.00 -1.05 -6.69
CA ALA C 51 3.20 -1.03 -8.16
C ALA C 51 3.38 0.38 -8.71
N LEU C 52 2.59 1.32 -8.19
CA LEU C 52 2.64 2.72 -8.59
C LEU C 52 3.99 3.36 -8.21
N SER C 53 4.42 3.08 -6.98
CA SER C 53 5.71 3.60 -6.52
C SER C 53 6.90 3.12 -7.39
N LYS C 54 6.86 1.88 -7.85
CA LYS C 54 7.91 1.34 -8.74
C LYS C 54 7.86 1.95 -10.13
N ALA C 55 6.64 2.13 -10.65
CA ALA C 55 6.43 2.77 -11.95
C ALA C 55 6.90 4.22 -11.96
N LEU C 56 6.73 4.90 -10.81
CA LEU C 56 7.09 6.31 -10.69
C LEU C 56 8.51 6.50 -10.15
N GLN C 57 9.19 5.39 -9.88
CA GLN C 57 10.58 5.39 -9.36
C GLN C 57 10.73 6.16 -8.05
N CYS C 58 9.80 5.94 -7.12
CA CYS C 58 9.88 6.59 -5.82
C CYS C 58 9.38 5.63 -4.75
N SER C 59 9.46 6.05 -3.49
CA SER C 59 9.03 5.19 -2.41
C SER C 59 7.50 5.39 -2.18
N PRO C 60 6.83 4.36 -1.64
CA PRO C 60 5.42 4.53 -1.24
C PRO C 60 5.25 5.60 -0.17
N ASP C 61 6.20 5.67 0.76
CA ASP C 61 6.17 6.68 1.81
C ASP C 61 6.19 8.10 1.25
N TYR C 62 7.02 8.33 0.23
CA TYR C 62 7.03 9.64 -0.45
C TYR C 62 5.66 9.97 -1.05
N LEU C 63 5.09 9.03 -1.80
CA LEU C 63 3.73 9.27 -2.33
C LEU C 63 2.71 9.57 -1.20
N LEU C 64 2.70 8.75 -0.16
CA LEU C 64 1.66 8.87 0.89
C LEU C 64 1.79 10.15 1.69
N LYS C 65 3.03 10.48 2.07
CA LYS C 65 3.28 11.54 3.05
C LYS C 65 4.20 12.65 2.54
N GLY C 66 4.91 12.41 1.45
CA GLY C 66 5.81 13.41 0.84
C GLY C 66 7.05 13.64 1.68
N ASP C 67 7.64 14.82 1.52
CA ASP C 67 8.79 15.21 2.32
C ASP C 67 8.35 16.14 3.44
N THR D 2 1.79 -19.98 -3.57
CA THR D 2 1.41 -20.88 -2.44
C THR D 2 1.07 -20.07 -1.19
N GLN D 3 2.10 -19.49 -0.55
CA GLN D 3 1.93 -18.78 0.73
C GLN D 3 1.20 -17.46 0.51
N LEU D 4 0.13 -17.24 1.26
CA LEU D 4 -0.64 -15.99 1.14
C LEU D 4 -0.12 -14.87 2.02
N MET D 5 -0.38 -13.62 1.61
CA MET D 5 0.04 -12.47 2.38
C MET D 5 -0.45 -12.59 3.83
N GLY D 6 -1.67 -13.08 4.04
CA GLY D 6 -2.24 -13.11 5.40
C GLY D 6 -1.43 -14.04 6.31
N GLU D 7 -0.94 -15.13 5.72
CA GLU D 7 -0.07 -16.07 6.43
C GLU D 7 1.24 -15.39 6.88
N ARG D 8 1.80 -14.52 6.03
CA ARG D 8 3.02 -13.77 6.38
C ARG D 8 2.75 -12.73 7.45
N ILE D 9 1.59 -12.05 7.35
CA ILE D 9 1.21 -11.10 8.40
C ILE D 9 1.08 -11.79 9.76
N ARG D 10 0.33 -12.89 9.82
CA ARG D 10 0.21 -13.62 11.09
C ARG D 10 1.57 -14.11 11.62
N ALA D 11 2.42 -14.64 10.74
CA ALA D 11 3.72 -15.15 11.20
C ALA D 11 4.58 -14.04 11.80
N ARG D 12 4.57 -12.85 11.19
CA ARG D 12 5.29 -11.68 11.68
C ARG D 12 4.71 -11.18 13.01
N ARG D 13 3.40 -11.18 13.14
CA ARG D 13 2.77 -10.81 14.41
C ARG D 13 3.13 -11.81 15.54
N LYS D 14 3.14 -13.10 15.21
CA LYS D 14 3.49 -14.17 16.17
C LYS D 14 4.95 -14.05 16.66
N LYS D 15 5.79 -13.53 15.76
CA LYS D 15 7.21 -13.29 16.07
C LYS D 15 7.32 -12.20 17.13
N LEU D 16 6.45 -11.20 17.02
CA LEU D 16 6.39 -10.13 18.03
C LEU D 16 5.71 -10.57 19.32
N LYS D 17 4.92 -11.63 19.23
CA LYS D 17 4.14 -12.21 20.36
C LYS D 17 3.03 -11.31 20.86
N ILE D 18 2.48 -10.49 19.96
CA ILE D 18 1.38 -9.60 20.36
C ILE D 18 0.02 -10.05 19.81
N ARG D 19 -1.05 -9.53 20.42
CA ARG D 19 -2.41 -9.90 20.03
C ARG D 19 -2.85 -9.06 18.84
N GLN D 20 -3.89 -9.51 18.15
CA GLN D 20 -4.39 -8.78 17.01
C GLN D 20 -4.76 -7.34 17.40
N ALA D 21 -5.39 -7.19 18.56
CA ALA D 21 -5.83 -5.86 19.03
C ALA D 21 -4.61 -4.93 19.23
N ALA D 22 -3.53 -5.47 19.80
CA ALA D 22 -2.30 -4.70 19.99
C ALA D 22 -1.71 -4.28 18.64
N LEU D 23 -1.71 -5.19 17.65
CA LEU D 23 -1.24 -4.84 16.31
C LEU D 23 -2.14 -3.82 15.67
N GLY D 24 -3.45 -4.02 15.77
CA GLY D 24 -4.39 -3.05 15.20
C GLY D 24 -4.14 -1.66 15.76
N LYS D 25 -3.96 -1.56 17.07
CA LYS D 25 -3.65 -0.25 17.70
C LYS D 25 -2.40 0.44 17.10
N MET D 26 -1.33 -0.35 16.88
CA MET D 26 -0.11 0.15 16.26
C MET D 26 -0.31 0.67 14.84
N VAL D 27 -1.17 0.00 14.08
CA VAL D 27 -1.42 0.27 12.67
C VAL D 27 -2.50 1.34 12.46
N GLY D 28 -3.45 1.41 13.38
CA GLY D 28 -4.57 2.36 13.25
C GLY D 28 -5.87 1.74 12.74
N VAL D 29 -6.08 0.45 12.99
CA VAL D 29 -7.27 -0.26 12.50
C VAL D 29 -7.76 -1.15 13.63
N SER D 30 -8.94 -1.75 13.48
CA SER D 30 -9.50 -2.63 14.50
C SER D 30 -8.78 -3.97 14.53
N ASN D 31 -8.91 -4.68 15.65
CA ASN D 31 -8.50 -6.10 15.72
C ASN D 31 -9.17 -6.91 14.63
N VAL D 32 -10.41 -6.53 14.30
CA VAL D 32 -11.13 -7.26 13.27
C VAL D 32 -10.46 -7.11 11.88
N ALA D 33 -9.97 -5.92 11.57
CA ALA D 33 -9.26 -5.74 10.28
C ALA D 33 -8.01 -6.63 10.24
N ILE D 34 -7.30 -6.67 11.37
CA ILE D 34 -6.13 -7.56 11.49
C ILE D 34 -6.52 -9.03 11.20
N SER D 35 -7.60 -9.49 11.82
CA SER D 35 -8.16 -10.83 11.55
C SER D 35 -8.51 -11.07 10.08
N GLN D 36 -9.18 -10.11 9.45
CA GLN D 36 -9.54 -10.23 8.04
C GLN D 36 -8.28 -10.28 7.16
N TRP D 37 -7.25 -9.50 7.48
CA TRP D 37 -5.97 -9.58 6.72
C TRP D 37 -5.27 -10.92 6.90
N GLU D 38 -5.17 -11.38 8.13
CA GLU D 38 -4.56 -12.70 8.43
C GLU D 38 -5.26 -13.88 7.77
N ARG D 39 -6.59 -13.82 7.69
CA ARG D 39 -7.34 -14.88 7.02
C ARG D 39 -7.46 -14.70 5.52
N SER D 40 -6.80 -13.67 5.00
CA SER D 40 -6.78 -13.33 3.56
C SER D 40 -8.20 -13.06 3.05
N GLU D 41 -9.05 -12.62 3.96
CA GLU D 41 -10.41 -12.24 3.58
C GLU D 41 -10.38 -10.88 2.83
N THR D 42 -9.47 -10.00 3.25
CA THR D 42 -9.22 -8.72 2.57
C THR D 42 -7.71 -8.47 2.59
N GLU D 43 -7.27 -7.43 1.90
CA GLU D 43 -5.88 -6.98 1.95
C GLU D 43 -5.84 -5.53 2.40
N PRO D 44 -4.77 -5.13 3.13
CA PRO D 44 -4.69 -3.73 3.55
C PRO D 44 -4.62 -2.76 2.39
N ASN D 45 -5.20 -1.59 2.60
CA ASN D 45 -5.12 -0.50 1.64
C ASN D 45 -3.68 0.08 1.68
N GLY D 46 -3.44 1.11 0.87
CA GLY D 46 -2.07 1.66 0.73
C GLY D 46 -1.48 2.18 2.03
N GLU D 47 -2.19 3.11 2.65
CA GLU D 47 -1.79 3.64 3.94
C GLU D 47 -1.61 2.54 5.00
N ASN D 48 -2.55 1.58 5.03
CA ASN D 48 -2.51 0.55 6.08
C ASN D 48 -1.40 -0.46 5.84
N LEU D 49 -1.13 -0.75 4.59
CA LEU D 49 -0.05 -1.68 4.26
C LEU D 49 1.28 -1.12 4.74
N LEU D 50 1.53 0.16 4.46
CA LEU D 50 2.73 0.84 4.95
C LEU D 50 2.83 0.87 6.47
N ALA D 51 1.73 1.22 7.16
CA ALA D 51 1.71 1.20 8.64
C ALA D 51 1.94 -0.20 9.21
N LEU D 52 1.33 -1.20 8.58
CA LEU D 52 1.50 -2.60 8.97
C LEU D 52 2.96 -3.05 8.80
N SER D 53 3.54 -2.77 7.64
CA SER D 53 4.92 -3.17 7.37
C SER D 53 5.89 -2.58 8.41
N LYS D 54 5.67 -1.32 8.79
CA LYS D 54 6.44 -0.68 9.85
C LYS D 54 6.27 -1.36 11.21
N ALA D 55 5.02 -1.55 11.62
CA ALA D 55 4.71 -2.30 12.83
C ALA D 55 5.34 -3.68 12.87
N LEU D 56 5.37 -4.37 11.73
CA LEU D 56 5.86 -5.74 11.71
C LEU D 56 7.35 -5.82 11.39
N GLN D 57 7.98 -4.66 11.26
CA GLN D 57 9.43 -4.57 11.00
C GLN D 57 9.84 -5.29 9.72
N CYS D 58 9.05 -5.11 8.65
CA CYS D 58 9.39 -5.70 7.35
C CYS D 58 8.98 -4.77 6.20
N SER D 59 9.30 -5.17 4.97
CA SER D 59 8.98 -4.31 3.82
C SER D 59 7.56 -4.66 3.32
N PRO D 60 6.87 -3.68 2.69
CA PRO D 60 5.55 -3.96 2.12
C PRO D 60 5.62 -5.05 1.06
N ASP D 61 6.70 -5.08 0.28
CA ASP D 61 6.87 -6.14 -0.72
C ASP D 61 6.96 -7.53 -0.11
N TYR D 62 7.65 -7.67 1.00
CA TYR D 62 7.69 -8.97 1.69
C TYR D 62 6.28 -9.44 2.03
N LEU D 63 5.48 -8.57 2.62
CA LEU D 63 4.11 -8.96 2.95
C LEU D 63 3.32 -9.34 1.70
N LEU D 64 3.40 -8.52 0.67
CA LEU D 64 2.60 -8.68 -0.56
C LEU D 64 2.98 -9.91 -1.36
N LYS D 65 4.27 -10.14 -1.50
CA LYS D 65 4.74 -11.23 -2.38
C LYS D 65 5.72 -12.25 -1.77
N GLY D 66 6.12 -12.04 -0.51
CA GLY D 66 7.15 -12.88 0.13
C GLY D 66 8.47 -12.38 -0.39
N ASP D 67 9.19 -11.60 0.42
CA ASP D 67 10.41 -10.91 0.01
C ASP D 67 10.15 -9.83 -1.05
#